data_3VCX
#
_entry.id   3VCX
#
_cell.length_a   34.825
_cell.length_b   67.918
_cell.length_c   103.481
_cell.angle_alpha   90.00
_cell.angle_beta   90.00
_cell.angle_gamma   90.00
#
_symmetry.space_group_name_H-M   'P 21 21 21'
#
loop_
_entity.id
_entity.type
_entity.pdbx_description
1 polymer 'Glyoxalase/Bleomycin resistance protein/dioxygenase domain'
2 non-polymer 'TETRAETHYLENE GLYCOL'
3 water water
#
_entity_poly.entity_id   1
_entity_poly.type   'polypeptide(L)'
_entity_poly.pdbx_seq_one_letter_code
;(MSE)GSSHHHHHHSSGRENLYFQG(MSE)RSTSYYPVI(MSE)TSDVAATAAFYCQHFGFRPLFEADWYVHLQSAEDPA
VNLAILDGQHSTIPAAGRGQVSGLILNFEVDDPDREYARLQQAGLPILLTLRDEDFGQRHFITADPNGVLIDIIKPIPPS
ANYAAQYAGGAAAAQP
;
_entity_poly.pdbx_strand_id   A,B
#
# COMPACT_ATOMS: atom_id res chain seq x y z
N ARG A 23 18.16 2.00 -0.78
CA ARG A 23 17.54 2.45 0.46
C ARG A 23 16.28 1.56 0.73
N SER A 24 16.23 1.07 1.95
CA SER A 24 15.21 0.11 2.26
C SER A 24 13.85 0.76 2.24
N THR A 25 13.82 2.09 2.47
CA THR A 25 12.55 2.80 2.62
C THR A 25 12.17 3.63 1.39
N SER A 26 12.56 3.24 0.19
CA SER A 26 12.26 4.12 -0.96
CA SER A 26 12.28 4.07 -0.99
C SER A 26 10.84 4.05 -1.47
N TYR A 27 10.05 3.05 -1.03
CA TYR A 27 8.67 2.91 -1.45
C TYR A 27 7.92 2.11 -0.44
N TYR A 28 6.86 2.67 0.10
CA TYR A 28 6.02 1.88 1.02
C TYR A 28 4.70 2.55 1.21
N PRO A 29 3.69 1.80 1.65
CA PRO A 29 2.35 2.35 1.93
C PRO A 29 2.19 2.81 3.38
N VAL A 30 1.29 3.80 3.53
CA VAL A 30 0.90 4.34 4.83
C VAL A 30 -0.61 4.17 4.92
N ILE A 31 -1.07 3.47 5.95
CA ILE A 31 -2.51 3.26 6.11
C ILE A 31 -3.07 4.16 7.22
N THR A 33 -5.76 5.08 10.11
CA THR A 33 -6.69 4.43 11.04
C THR A 33 -6.92 5.32 12.24
N SER A 34 -8.03 5.09 12.95
CA SER A 34 -8.26 5.73 14.22
C SER A 34 -7.67 4.92 15.35
N ASP A 35 -7.13 3.72 15.11
CA ASP A 35 -6.48 2.96 16.19
C ASP A 35 -5.08 2.55 15.80
N VAL A 36 -4.20 3.53 15.92
CA VAL A 36 -2.81 3.37 15.53
C VAL A 36 -2.12 2.29 16.34
N ALA A 37 -2.21 2.35 17.67
CA ALA A 37 -1.40 1.41 18.48
C ALA A 37 -1.90 -0.04 18.26
N ALA A 38 -3.21 -0.21 18.20
CA ALA A 38 -3.70 -1.61 18.02
C ALA A 38 -3.40 -2.15 16.66
N THR A 39 -3.42 -1.29 15.65
CA THR A 39 -2.99 -1.72 14.30
C THR A 39 -1.51 -2.12 14.29
N ALA A 40 -0.66 -1.27 14.87
CA ALA A 40 0.77 -1.57 14.88
C ALA A 40 1.04 -2.87 15.62
N ALA A 41 0.37 -3.08 16.76
CA ALA A 41 0.63 -4.27 17.57
C ALA A 41 0.24 -5.53 16.76
N PHE A 42 -0.84 -5.41 15.99
CA PHE A 42 -1.31 -6.53 15.16
C PHE A 42 -0.23 -6.98 14.15
N TYR A 43 0.37 -6.04 13.44
CA TYR A 43 1.35 -6.41 12.42
C TYR A 43 2.63 -6.93 13.06
N CYS A 44 3.01 -6.37 14.22
CA CYS A 44 4.20 -6.85 14.93
C CYS A 44 3.95 -8.27 15.48
N GLN A 45 2.75 -8.49 16.03
CA GLN A 45 2.48 -9.82 16.58
C GLN A 45 2.40 -10.95 15.54
N HIS A 46 1.77 -10.67 14.40
CA HIS A 46 1.44 -11.75 13.48
C HIS A 46 2.21 -11.76 12.19
N PHE A 47 2.82 -10.63 11.78
CA PHE A 47 3.42 -10.51 10.44
C PHE A 47 4.90 -10.14 10.40
N GLY A 48 5.58 -10.34 11.53
CA GLY A 48 7.03 -10.27 11.55
C GLY A 48 7.58 -8.86 11.44
N PHE A 49 6.79 -7.85 11.78
CA PHE A 49 7.22 -6.44 11.77
C PHE A 49 7.78 -6.04 13.12
N ARG A 50 8.65 -5.03 13.09
CA ARG A 50 9.07 -4.34 14.29
CA ARG A 50 9.12 -4.35 14.28
C ARG A 50 9.04 -2.84 14.05
N PRO A 51 8.85 -2.05 15.11
CA PRO A 51 8.76 -0.61 14.98
C PRO A 51 10.09 0.10 14.84
N LEU A 52 10.22 1.00 13.87
CA LEU A 52 11.41 1.88 13.79
C LEU A 52 11.14 3.24 14.40
N PHE A 53 9.88 3.62 14.46
CA PHE A 53 9.44 4.92 15.03
C PHE A 53 8.04 4.65 15.56
N GLU A 54 7.75 5.04 16.81
CA GLU A 54 6.44 4.83 17.42
C GLU A 54 5.99 6.06 18.17
N ALA A 55 4.93 6.67 17.73
CA ALA A 55 4.28 7.74 18.48
C ALA A 55 2.75 7.43 18.46
N ASP A 56 1.95 8.19 19.21
CA ASP A 56 0.52 7.93 19.28
C ASP A 56 -0.14 8.14 17.94
N TRP A 57 0.44 9.01 17.11
CA TRP A 57 -0.24 9.40 15.85
C TRP A 57 0.35 8.72 14.62
N TYR A 58 1.51 8.07 14.78
CA TYR A 58 2.26 7.52 13.63
C TYR A 58 3.21 6.43 14.08
N VAL A 59 3.18 5.30 13.38
CA VAL A 59 4.15 4.25 13.65
C VAL A 59 4.74 3.77 12.31
N HIS A 60 6.08 3.72 12.21
CA HIS A 60 6.69 3.12 11.03
C HIS A 60 7.15 1.71 11.39
N LEU A 61 6.62 0.70 10.68
CA LEU A 61 7.03 -0.68 10.90
C LEU A 61 7.88 -1.16 9.75
N GLN A 62 8.82 -2.04 10.07
CA GLN A 62 9.69 -2.64 9.09
C GLN A 62 9.80 -4.14 9.37
N SER A 63 9.80 -4.96 8.33
CA SER A 63 9.96 -6.41 8.56
C SER A 63 11.33 -6.68 9.15
N ALA A 64 11.35 -7.50 10.19
CA ALA A 64 12.62 -7.91 10.78
C ALA A 64 13.56 -8.63 9.82
N GLU A 65 12.98 -9.40 8.90
CA GLU A 65 13.77 -10.21 7.99
C GLU A 65 14.04 -9.55 6.64
N ASP A 66 13.40 -8.43 6.33
CA ASP A 66 13.62 -7.74 5.06
C ASP A 66 13.36 -6.24 5.25
N PRO A 67 14.39 -5.45 5.40
CA PRO A 67 14.19 -4.02 5.60
C PRO A 67 13.51 -3.34 4.42
N ALA A 68 13.43 -3.98 3.26
CA ALA A 68 12.69 -3.38 2.15
C ALA A 68 11.17 -3.52 2.30
N VAL A 69 10.69 -4.20 3.32
CA VAL A 69 9.23 -4.35 3.53
C VAL A 69 8.91 -3.43 4.71
N ASN A 70 8.12 -2.40 4.41
CA ASN A 70 7.76 -1.37 5.38
C ASN A 70 6.25 -1.12 5.29
N LEU A 71 5.67 -0.75 6.43
CA LEU A 71 4.27 -0.34 6.50
C LEU A 71 4.19 0.74 7.54
N ALA A 72 3.63 1.89 7.19
CA ALA A 72 3.44 2.93 8.21
C ALA A 72 1.96 3.05 8.51
N ILE A 73 1.67 3.45 9.74
CA ILE A 73 0.31 3.49 10.27
CA ILE A 73 0.32 3.47 10.33
C ILE A 73 0.12 4.89 10.84
N LEU A 74 -0.94 5.56 10.41
CA LEU A 74 -1.10 6.99 10.65
C LEU A 74 -2.48 7.28 11.15
N ASP A 75 -2.63 8.17 12.13
CA ASP A 75 -3.95 8.63 12.51
C ASP A 75 -4.59 9.40 11.38
N GLY A 76 -5.70 8.89 10.81
CA GLY A 76 -6.22 9.45 9.57
C GLY A 76 -6.86 10.82 9.65
N GLN A 77 -6.94 11.41 10.85
CA GLN A 77 -7.40 12.78 10.97
C GLN A 77 -6.30 13.75 11.41
N HIS A 78 -5.07 13.28 11.41
CA HIS A 78 -3.99 14.16 11.86
C HIS A 78 -3.88 15.37 10.95
N SER A 79 -3.67 16.54 11.57
CA SER A 79 -3.78 17.83 10.86
C SER A 79 -2.69 17.90 9.79
N THR A 80 -1.61 17.16 9.94
CA THR A 80 -0.54 17.18 8.95
C THR A 80 -0.90 16.50 7.65
N ILE A 81 -1.92 15.64 7.61
CA ILE A 81 -2.45 15.13 6.34
C ILE A 81 -3.31 16.21 5.70
N PRO A 82 -3.08 16.54 4.38
CA PRO A 82 -3.94 17.52 3.71
C PRO A 82 -5.42 17.12 3.92
N ALA A 83 -6.25 18.12 4.18
CA ALA A 83 -7.62 17.87 4.62
C ALA A 83 -8.36 16.96 3.68
N ALA A 84 -8.17 17.14 2.37
CA ALA A 84 -8.90 16.34 1.41
C ALA A 84 -8.58 14.87 1.48
N GLY A 85 -7.38 14.49 1.99
CA GLY A 85 -7.02 13.11 2.09
C GLY A 85 -7.34 12.42 3.42
N ARG A 86 -7.83 13.18 4.41
CA ARG A 86 -8.06 12.56 5.69
C ARG A 86 -9.14 11.51 5.56
N GLY A 87 -9.06 10.50 6.41
CA GLY A 87 -10.02 9.40 6.29
C GLY A 87 -9.55 8.15 7.00
N GLN A 88 -10.04 7.04 6.49
CA GLN A 88 -9.85 5.75 7.14
C GLN A 88 -9.63 4.72 6.04
N VAL A 89 -8.64 3.84 6.23
CA VAL A 89 -8.27 2.90 5.16
C VAL A 89 -9.43 2.01 4.74
N SER A 90 -9.48 1.78 3.42
CA SER A 90 -10.43 0.84 2.87
CA SER A 90 -10.46 0.87 2.85
C SER A 90 -9.93 0.48 1.47
N GLY A 91 -10.53 -0.55 0.86
CA GLY A 91 -10.25 -0.91 -0.52
C GLY A 91 -8.80 -1.18 -0.81
N LEU A 92 -8.16 -1.90 0.12
CA LEU A 92 -6.74 -2.17 0.04
C LEU A 92 -6.45 -3.62 0.37
N ILE A 93 -5.51 -4.21 -0.38
CA ILE A 93 -4.93 -5.52 -0.03
C ILE A 93 -3.45 -5.32 0.09
N LEU A 94 -2.83 -5.93 1.10
CA LEU A 94 -1.38 -6.03 1.16
C LEU A 94 -1.00 -7.45 0.78
N ASN A 95 -0.20 -7.59 -0.27
CA ASN A 95 0.25 -8.91 -0.76
C ASN A 95 1.61 -9.20 -0.21
N PHE A 96 1.75 -10.36 0.43
CA PHE A 96 3.07 -10.82 0.85
C PHE A 96 3.31 -12.20 0.25
N GLU A 97 4.44 -12.34 -0.42
CA GLU A 97 4.93 -13.64 -0.87
C GLU A 97 5.68 -14.35 0.20
N VAL A 98 5.32 -15.64 0.36
CA VAL A 98 5.93 -16.49 1.39
C VAL A 98 6.22 -17.85 0.77
N ASP A 99 7.13 -18.57 1.41
CA ASP A 99 7.50 -19.90 0.92
C ASP A 99 6.45 -20.95 1.28
N ASP A 100 5.76 -20.75 2.40
CA ASP A 100 4.87 -21.82 2.89
C ASP A 100 3.54 -21.20 3.38
N PRO A 101 2.64 -20.87 2.43
CA PRO A 101 1.36 -20.27 2.88
C PRO A 101 0.51 -21.24 3.70
N ASP A 102 0.66 -22.54 3.45
CA ASP A 102 -0.08 -23.50 4.30
C ASP A 102 0.26 -23.37 5.77
N ARG A 103 1.55 -23.35 6.12
CA ARG A 103 1.95 -23.19 7.49
C ARG A 103 1.54 -21.85 8.07
N GLU A 104 1.56 -20.81 7.23
CA GLU A 104 1.14 -19.50 7.72
C GLU A 104 -0.37 -19.49 7.99
N TYR A 105 -1.16 -20.12 7.11
CA TYR A 105 -2.59 -20.25 7.40
C TYR A 105 -2.83 -20.95 8.73
N ALA A 106 -2.12 -22.05 8.98
CA ALA A 106 -2.40 -22.78 10.21
C ALA A 106 -2.15 -21.92 11.44
N ARG A 107 -1.03 -21.19 11.42
CA ARG A 107 -0.67 -20.35 12.57
C ARG A 107 -1.71 -19.24 12.73
N LEU A 108 -2.01 -18.54 11.62
CA LEU A 108 -2.93 -17.40 11.73
C LEU A 108 -4.37 -17.79 12.07
N GLN A 109 -4.84 -18.89 11.50
CA GLN A 109 -6.19 -19.33 11.82
C GLN A 109 -6.27 -19.71 13.30
N GLN A 110 -5.24 -20.39 13.79
CA GLN A 110 -5.25 -20.79 15.21
C GLN A 110 -5.10 -19.61 16.14
N ALA A 111 -4.54 -18.51 15.65
CA ALA A 111 -4.43 -17.24 16.42
C ALA A 111 -5.73 -16.45 16.42
N GLY A 112 -6.72 -16.90 15.68
CA GLY A 112 -8.03 -16.27 15.67
C GLY A 112 -8.23 -15.17 14.64
N LEU A 113 -7.34 -15.07 13.64
CA LEU A 113 -7.48 -14.04 12.61
C LEU A 113 -8.63 -14.42 11.68
N PRO A 114 -9.28 -13.44 11.08
CA PRO A 114 -10.40 -13.76 10.19
C PRO A 114 -9.89 -14.37 8.92
N ILE A 115 -10.55 -15.42 8.47
CA ILE A 115 -10.14 -16.05 7.22
C ILE A 115 -11.20 -15.69 6.19
N LEU A 116 -10.80 -14.87 5.24
CA LEU A 116 -11.70 -14.39 4.20
C LEU A 116 -11.71 -15.25 2.96
N LEU A 117 -10.58 -15.94 2.71
CA LEU A 117 -10.50 -16.88 1.60
C LEU A 117 -9.55 -17.99 2.03
N THR A 118 -10.04 -19.23 2.00
CA THR A 118 -9.23 -20.38 2.40
C THR A 118 -8.20 -20.69 1.34
N LEU A 119 -7.21 -21.47 1.70
CA LEU A 119 -6.14 -21.85 0.82
C LEU A 119 -6.63 -22.40 -0.50
N ARG A 120 -6.10 -21.90 -1.58
CA ARG A 120 -6.40 -22.45 -2.88
C ARG A 120 -5.28 -22.18 -3.86
N ASP A 121 -5.20 -23.06 -4.83
CA ASP A 121 -4.29 -22.91 -5.97
C ASP A 121 -5.00 -22.08 -7.03
N GLU A 122 -4.26 -21.18 -7.66
CA GLU A 122 -4.87 -20.33 -8.68
C GLU A 122 -4.40 -20.61 -10.11
N GLY A 125 -1.08 -19.09 -11.15
CA GLY A 125 0.18 -19.44 -10.55
C GLY A 125 0.43 -18.80 -9.18
N GLN A 126 -0.57 -18.85 -8.31
CA GLN A 126 -0.30 -18.61 -6.91
C GLN A 126 -1.11 -19.62 -6.08
N ARG A 127 -0.49 -20.18 -5.04
CA ARG A 127 -1.26 -20.79 -3.94
C ARG A 127 -1.36 -19.71 -2.86
N HIS A 128 -2.55 -19.50 -2.32
CA HIS A 128 -2.69 -18.38 -1.36
C HIS A 128 -3.92 -18.51 -0.49
N PHE A 129 -4.00 -17.65 0.50
CA PHE A 129 -5.19 -17.48 1.32
C PHE A 129 -5.26 -16.00 1.70
N ILE A 130 -6.42 -15.56 2.22
CA ILE A 130 -6.62 -14.15 2.54
C ILE A 130 -7.15 -13.99 3.94
N THR A 131 -6.50 -13.13 4.70
CA THR A 131 -6.94 -12.73 6.04
C THR A 131 -7.12 -11.21 6.04
N ALA A 132 -7.13 -10.58 7.23
CA ALA A 132 -7.40 -9.14 7.28
C ALA A 132 -6.96 -8.60 8.58
N ASP A 133 -6.60 -7.31 8.58
CA ASP A 133 -6.26 -6.63 9.82
C ASP A 133 -7.52 -6.06 10.51
N PRO A 134 -7.36 -5.44 11.68
CA PRO A 134 -8.55 -5.00 12.40
C PRO A 134 -9.27 -3.83 11.75
N ASN A 135 -8.62 -3.18 10.77
CA ASN A 135 -9.25 -2.14 9.95
C ASN A 135 -9.99 -2.68 8.75
N GLY A 136 -9.85 -3.98 8.52
CA GLY A 136 -10.41 -4.53 7.28
C GLY A 136 -9.47 -4.47 6.09
N VAL A 137 -8.21 -4.11 6.26
CA VAL A 137 -7.24 -4.24 5.17
C VAL A 137 -7.07 -5.72 4.90
N LEU A 138 -7.24 -6.13 3.66
CA LEU A 138 -7.03 -7.56 3.33
C LEU A 138 -5.56 -7.85 3.23
N ILE A 139 -5.21 -9.07 3.60
CA ILE A 139 -3.83 -9.52 3.61
C ILE A 139 -3.78 -10.82 2.84
N ASP A 140 -3.15 -10.80 1.67
CA ASP A 140 -3.13 -11.98 0.77
C ASP A 140 -1.72 -12.56 0.90
N ILE A 141 -1.69 -13.79 1.39
CA ILE A 141 -0.45 -14.51 1.63
CA ILE A 141 -0.46 -14.54 1.66
C ILE A 141 -0.27 -15.57 0.56
N ILE A 142 0.76 -15.37 -0.25
CA ILE A 142 0.90 -15.98 -1.57
C ILE A 142 2.25 -16.70 -1.79
N LYS A 143 2.18 -17.87 -2.41
CA LYS A 143 3.37 -18.51 -2.92
C LYS A 143 3.19 -18.52 -4.41
N PRO A 144 4.15 -17.98 -5.17
CA PRO A 144 4.19 -18.31 -6.61
C PRO A 144 4.26 -19.83 -6.93
N ILE A 145 3.36 -20.32 -7.79
CA ILE A 145 3.37 -21.71 -8.27
C ILE A 145 3.26 -21.76 -9.80
N SER B 24 10.67 -10.13 -8.33
CA SER B 24 10.87 -8.96 -7.48
C SER B 24 9.54 -8.38 -6.93
N THR B 25 8.61 -9.28 -6.61
CA THR B 25 7.31 -8.90 -6.16
C THR B 25 6.96 -9.45 -4.77
N SER B 26 7.90 -9.46 -3.81
CA SER B 26 7.60 -10.12 -2.52
C SER B 26 6.62 -9.37 -1.60
N TYR B 27 6.37 -8.08 -1.85
CA TYR B 27 5.50 -7.29 -0.97
C TYR B 27 5.03 -6.09 -1.74
N TYR B 28 3.73 -5.91 -1.83
CA TYR B 28 3.23 -4.72 -2.51
C TYR B 28 1.76 -4.53 -2.21
N PRO B 29 1.26 -3.32 -2.36
CA PRO B 29 -0.17 -3.05 -2.21
C PRO B 29 -0.96 -3.27 -3.48
N VAL B 30 -2.23 -3.58 -3.25
CA VAL B 30 -3.24 -3.73 -4.32
C VAL B 30 -4.32 -2.76 -3.97
N ILE B 31 -4.59 -1.80 -4.87
CA ILE B 31 -5.65 -0.79 -4.68
C ILE B 31 -6.90 -1.12 -5.43
N THR B 33 -10.41 -0.15 -7.22
CA THR B 33 -10.93 1.01 -7.94
C THR B 33 -12.17 0.60 -8.74
N SER B 34 -13.03 1.59 -9.01
CA SER B 34 -14.10 1.43 -9.99
C SER B 34 -13.64 1.64 -11.43
N ASP B 35 -12.39 2.04 -11.64
CA ASP B 35 -11.90 2.32 -13.01
C ASP B 35 -10.44 1.84 -13.10
N VAL B 36 -10.28 0.55 -13.36
CA VAL B 36 -8.95 -0.05 -13.47
C VAL B 36 -8.13 0.63 -14.58
N ALA B 37 -8.75 0.84 -15.74
CA ALA B 37 -8.01 1.33 -16.90
C ALA B 37 -7.52 2.77 -16.68
N ALA B 38 -8.34 3.64 -16.13
CA ALA B 38 -7.87 4.99 -15.90
C ALA B 38 -6.86 5.04 -14.79
N THR B 39 -6.99 4.20 -13.76
CA THR B 39 -6.03 4.21 -12.66
C THR B 39 -4.68 3.71 -13.18
N ALA B 40 -4.65 2.61 -13.95
CA ALA B 40 -3.40 2.15 -14.52
C ALA B 40 -2.79 3.19 -15.43
N ALA B 41 -3.61 3.85 -16.27
CA ALA B 41 -3.04 4.84 -17.18
C ALA B 41 -2.35 5.94 -16.37
N PHE B 42 -2.96 6.38 -15.27
CA PHE B 42 -2.38 7.48 -14.48
C PHE B 42 -0.96 7.12 -14.00
N TYR B 43 -0.78 5.90 -13.46
CA TYR B 43 0.55 5.54 -12.95
C TYR B 43 1.55 5.33 -14.05
N CYS B 44 1.12 4.82 -15.19
CA CYS B 44 2.01 4.63 -16.31
C CYS B 44 2.37 5.96 -16.97
N GLN B 45 1.45 6.91 -16.97
CA GLN B 45 1.76 8.22 -17.58
C GLN B 45 2.69 9.03 -16.70
N HIS B 46 2.51 8.97 -15.37
CA HIS B 46 3.16 10.00 -14.54
C HIS B 46 4.19 9.46 -13.57
N PHE B 47 4.22 8.16 -13.32
CA PHE B 47 5.07 7.61 -12.25
C PHE B 47 6.01 6.50 -12.73
N GLY B 48 6.19 6.38 -14.02
CA GLY B 48 7.20 5.47 -14.55
C GLY B 48 6.88 4.00 -14.41
N PHE B 49 5.61 3.68 -14.23
CA PHE B 49 5.20 2.28 -14.14
C PHE B 49 4.91 1.71 -15.51
N ARG B 50 5.09 0.40 -15.61
CA ARG B 50 4.70 -0.35 -16.80
C ARG B 50 4.02 -1.65 -16.35
N PRO B 51 3.10 -2.20 -17.15
CA PRO B 51 2.42 -3.42 -16.71
C PRO B 51 3.31 -4.65 -16.80
N LEU B 52 3.37 -5.43 -15.73
CA LEU B 52 4.05 -6.71 -15.77
C LEU B 52 3.10 -7.75 -16.31
N PHE B 53 1.85 -7.74 -15.88
CA PHE B 53 0.78 -8.51 -16.45
C PHE B 53 -0.55 -7.85 -16.21
N GLU B 54 -1.54 -8.21 -17.00
CA GLU B 54 -2.81 -7.57 -16.85
C GLU B 54 -3.95 -8.36 -17.45
N ALA B 55 -5.15 -8.09 -16.92
CA ALA B 55 -6.44 -8.43 -17.50
C ALA B 55 -7.30 -7.17 -17.38
N ASP B 56 -8.50 -7.18 -17.94
CA ASP B 56 -9.30 -5.94 -17.85
C ASP B 56 -9.72 -5.54 -16.42
N TRP B 57 -9.67 -6.49 -15.49
CA TRP B 57 -10.08 -6.28 -14.09
C TRP B 57 -8.90 -6.20 -13.12
N TYR B 58 -7.67 -6.37 -13.62
CA TYR B 58 -6.50 -6.47 -12.72
C TYR B 58 -5.27 -6.10 -13.50
N VAL B 59 -4.51 -5.13 -13.00
CA VAL B 59 -3.27 -4.70 -13.69
C VAL B 59 -2.16 -4.74 -12.62
N HIS B 60 -1.13 -5.54 -12.84
CA HIS B 60 0.04 -5.48 -11.97
C HIS B 60 1.09 -4.54 -12.60
N LEU B 61 1.32 -3.39 -11.95
CA LEU B 61 2.33 -2.40 -12.43
C LEU B 61 3.66 -2.57 -11.71
N GLN B 62 4.74 -2.36 -12.46
CA GLN B 62 6.08 -2.40 -11.87
C GLN B 62 6.88 -1.24 -12.44
N SER B 63 7.67 -0.57 -11.59
CA SER B 63 8.52 0.51 -12.11
C SER B 63 9.53 -0.07 -13.04
N ALA B 64 9.66 0.58 -14.23
CA ALA B 64 10.66 0.17 -15.16
C ALA B 64 12.07 0.37 -14.62
N GLU B 65 12.26 1.52 -13.99
CA GLU B 65 13.58 1.93 -13.56
C GLU B 65 13.98 1.30 -12.19
N ASP B 66 13.00 0.95 -11.33
CA ASP B 66 13.27 0.20 -10.10
C ASP B 66 12.29 -0.96 -9.97
N PRO B 67 12.67 -2.14 -10.46
CA PRO B 67 11.77 -3.30 -10.49
C PRO B 67 11.27 -3.76 -9.14
N ALA B 68 11.87 -3.26 -8.08
CA ALA B 68 11.41 -3.62 -6.74
C ALA B 68 10.10 -2.87 -6.34
N VAL B 69 9.69 -1.88 -7.13
CA VAL B 69 8.51 -1.08 -6.83
C VAL B 69 7.32 -1.57 -7.64
N ASN B 70 6.29 -2.03 -6.93
CA ASN B 70 5.13 -2.68 -7.55
C ASN B 70 3.88 -2.13 -6.98
N LEU B 71 2.84 -2.04 -7.82
CA LEU B 71 1.52 -1.57 -7.38
C LEU B 71 0.52 -2.29 -8.24
N ALA B 72 -0.44 -2.99 -7.64
CA ALA B 72 -1.46 -3.65 -8.41
C ALA B 72 -2.78 -2.92 -8.25
N ILE B 73 -3.60 -3.00 -9.32
CA ILE B 73 -4.86 -2.28 -9.44
CA ILE B 73 -4.85 -2.25 -9.51
C ILE B 73 -5.96 -3.26 -9.76
N LEU B 74 -6.98 -3.28 -8.91
CA LEU B 74 -8.00 -4.32 -8.92
C LEU B 74 -9.39 -3.67 -8.99
N ASP B 75 -10.25 -4.24 -9.83
CA ASP B 75 -11.67 -3.89 -9.86
C ASP B 75 -12.25 -4.27 -8.46
N GLY B 76 -12.67 -3.23 -7.72
CA GLY B 76 -13.02 -3.40 -6.31
C GLY B 76 -14.31 -4.15 -6.06
N GLN B 77 -15.10 -4.45 -7.12
CA GLN B 77 -16.30 -5.29 -7.02
C GLN B 77 -16.13 -6.65 -7.69
N HIS B 78 -14.88 -7.01 -7.99
CA HIS B 78 -14.67 -8.27 -8.72
C HIS B 78 -15.14 -9.48 -7.92
N SER B 79 -15.65 -10.50 -8.63
CA SER B 79 -16.09 -11.76 -7.99
C SER B 79 -14.97 -12.47 -7.20
N THR B 80 -13.72 -12.36 -7.62
CA THR B 80 -12.63 -12.97 -6.86
C THR B 80 -12.41 -12.41 -5.44
N ILE B 81 -12.89 -11.20 -5.14
CA ILE B 81 -12.69 -10.65 -3.83
C ILE B 81 -13.77 -11.14 -2.87
N PRO B 82 -13.38 -11.60 -1.66
CA PRO B 82 -14.43 -11.89 -0.69
C PRO B 82 -15.38 -10.67 -0.49
N ALA B 83 -16.67 -10.95 -0.39
CA ALA B 83 -17.71 -9.89 -0.35
C ALA B 83 -17.43 -8.84 0.68
N ALA B 84 -17.01 -9.25 1.86
CA ALA B 84 -16.74 -8.31 2.93
C ALA B 84 -15.46 -7.50 2.69
N GLY B 85 -14.69 -7.87 1.65
CA GLY B 85 -13.54 -7.08 1.28
C GLY B 85 -13.70 -6.14 0.08
N ARG B 86 -14.85 -6.20 -0.55
CA ARG B 86 -15.06 -5.38 -1.75
C ARG B 86 -15.16 -3.93 -1.35
N GLY B 87 -14.77 -3.07 -2.26
CA GLY B 87 -14.75 -1.66 -1.91
C GLY B 87 -13.95 -0.83 -2.87
N GLN B 88 -13.63 0.39 -2.41
CA GLN B 88 -12.89 1.36 -3.16
CA GLN B 88 -12.82 1.35 -3.17
C GLN B 88 -11.78 1.93 -2.27
N VAL B 89 -10.58 2.07 -2.80
CA VAL B 89 -9.45 2.54 -1.98
C VAL B 89 -9.73 3.90 -1.31
N SER B 90 -9.32 4.00 -0.05
CA SER B 90 -9.38 5.23 0.72
CA SER B 90 -9.25 5.28 0.60
C SER B 90 -8.32 5.12 1.80
N GLY B 91 -7.99 6.26 2.46
CA GLY B 91 -7.19 6.23 3.65
C GLY B 91 -5.81 5.63 3.45
N LEU B 92 -5.22 5.95 2.29
CA LEU B 92 -3.94 5.39 1.86
C LEU B 92 -3.02 6.50 1.34
N ILE B 93 -1.77 6.40 1.75
CA ILE B 93 -0.69 7.19 1.10
C ILE B 93 0.35 6.25 0.57
N LEU B 94 0.81 6.55 -0.65
CA LEU B 94 2.00 5.84 -1.16
C LEU B 94 3.21 6.77 -1.04
N ASN B 95 4.27 6.37 -0.35
CA ASN B 95 5.48 7.20 -0.15
C ASN B 95 6.50 6.74 -1.14
N PHE B 96 7.00 7.68 -1.95
CA PHE B 96 8.13 7.41 -2.87
C PHE B 96 9.28 8.33 -2.55
N GLU B 97 10.47 7.81 -2.33
CA GLU B 97 11.67 8.63 -2.16
C GLU B 97 12.24 8.92 -3.51
N VAL B 98 12.57 10.19 -3.77
CA VAL B 98 13.18 10.60 -5.04
C VAL B 98 14.34 11.55 -4.79
N ASP B 99 15.20 11.72 -5.79
CA ASP B 99 16.34 12.64 -5.69
C ASP B 99 15.96 14.13 -5.77
N ASP B 100 14.91 14.42 -6.55
CA ASP B 100 14.68 15.84 -6.90
C ASP B 100 13.18 16.10 -6.86
N PRO B 101 12.61 16.24 -5.65
CA PRO B 101 11.17 16.44 -5.63
C PRO B 101 10.73 17.79 -6.30
N ASP B 102 11.62 18.78 -6.37
CA ASP B 102 11.27 20.05 -7.01
C ASP B 102 10.95 19.86 -8.48
N ARG B 103 11.82 19.15 -9.18
CA ARG B 103 11.58 18.84 -10.58
C ARG B 103 10.30 18.00 -10.78
N GLU B 104 10.07 17.05 -9.86
CA GLU B 104 8.87 16.21 -9.99
C GLU B 104 7.62 17.03 -9.79
N TYR B 105 7.66 17.96 -8.81
CA TYR B 105 6.53 18.86 -8.62
C TYR B 105 6.27 19.68 -9.91
N ALA B 106 7.31 20.23 -10.53
CA ALA B 106 7.08 21.11 -11.71
C ALA B 106 6.41 20.30 -12.82
N ARG B 107 6.88 19.06 -13.02
CA ARG B 107 6.34 18.23 -14.08
C ARG B 107 4.90 17.84 -13.76
N LEU B 108 4.65 17.37 -12.54
CA LEU B 108 3.30 16.96 -12.18
C LEU B 108 2.27 18.06 -12.09
N GLN B 109 2.66 19.21 -11.52
CA GLN B 109 1.73 20.32 -11.48
C GLN B 109 1.39 20.72 -12.92
N GLN B 110 2.36 20.80 -13.80
CA GLN B 110 2.09 21.22 -15.18
C GLN B 110 1.24 20.19 -15.96
N ALA B 111 1.32 18.92 -15.55
CA ALA B 111 0.52 17.84 -16.11
C ALA B 111 -0.90 17.88 -15.56
N GLY B 112 -1.19 18.76 -14.61
CA GLY B 112 -2.56 18.95 -14.14
C GLY B 112 -2.93 18.10 -12.92
N LEU B 113 -1.96 17.44 -12.29
CA LEU B 113 -2.30 16.64 -11.12
C LEU B 113 -2.65 17.53 -9.92
N PRO B 114 -3.53 17.04 -9.02
CA PRO B 114 -3.89 17.86 -7.87
C PRO B 114 -2.71 18.01 -6.91
N ILE B 115 -2.47 19.19 -6.39
CA ILE B 115 -1.39 19.41 -5.46
C ILE B 115 -2.02 19.61 -4.10
N LEU B 116 -1.88 18.59 -3.24
CA LEU B 116 -2.50 18.66 -1.92
C LEU B 116 -1.62 19.26 -0.85
N LEU B 117 -0.28 19.13 -1.05
CA LEU B 117 0.65 19.83 -0.18
C LEU B 117 1.79 20.32 -1.04
N THR B 118 2.02 21.63 -1.05
CA THR B 118 3.13 22.18 -1.83
C THR B 118 4.47 21.80 -1.20
N LEU B 119 5.55 21.97 -1.98
CA LEU B 119 6.90 21.67 -1.52
C LEU B 119 7.25 22.28 -0.19
N ARG B 120 7.69 21.44 0.73
CA ARG B 120 8.21 21.94 1.98
C ARG B 120 9.23 21.09 2.64
N ASP B 121 9.97 21.80 3.43
CA ASP B 121 10.99 21.22 4.26
C ASP B 121 10.43 20.93 5.65
N GLU B 122 10.59 19.69 6.09
CA GLU B 122 10.07 19.27 7.37
C GLU B 122 11.18 19.30 8.40
N ASP B 123 10.78 19.41 9.65
CA ASP B 123 11.71 19.78 10.73
C ASP B 123 12.97 18.91 10.85
N GLN B 126 13.02 14.63 3.78
CA GLN B 126 12.68 15.75 4.64
C GLN B 126 12.26 17.00 3.81
N ARG B 127 12.36 16.88 2.49
CA ARG B 127 11.71 17.83 1.58
C ARG B 127 10.69 17.02 0.81
N HIS B 128 9.46 17.47 0.74
CA HIS B 128 8.45 16.70 0.03
C HIS B 128 7.28 17.52 -0.48
N PHE B 129 6.46 16.90 -1.30
CA PHE B 129 5.15 17.49 -1.66
C PHE B 129 4.18 16.30 -1.83
N ILE B 130 2.87 16.59 -1.85
CA ILE B 130 1.86 15.52 -1.91
C ILE B 130 0.93 15.80 -3.06
N THR B 131 0.70 14.77 -3.88
CA THR B 131 -0.31 14.79 -4.91
C THR B 131 -1.27 13.60 -4.66
N ALA B 132 -2.04 13.24 -5.67
CA ALA B 132 -3.06 12.15 -5.46
C ALA B 132 -3.41 11.58 -6.80
N ASP B 133 -3.83 10.33 -6.78
CA ASP B 133 -4.33 9.64 -7.95
C ASP B 133 -5.84 9.90 -8.10
N PRO B 134 -6.45 9.37 -9.17
CA PRO B 134 -7.82 9.80 -9.40
C PRO B 134 -8.84 9.13 -8.47
N ASN B 135 -8.38 8.10 -7.73
CA ASN B 135 -9.14 7.50 -6.62
C ASN B 135 -9.03 8.28 -5.31
N GLY B 136 -8.12 9.23 -5.25
CA GLY B 136 -7.81 9.91 -3.99
C GLY B 136 -6.70 9.27 -3.19
N VAL B 137 -5.97 8.29 -3.71
CA VAL B 137 -4.78 7.77 -3.05
C VAL B 137 -3.78 8.94 -2.99
N LEU B 138 -3.28 9.28 -1.79
CA LEU B 138 -2.25 10.32 -1.68
C LEU B 138 -0.91 9.76 -2.07
N ILE B 139 -0.09 10.63 -2.68
CA ILE B 139 1.23 10.23 -3.19
C ILE B 139 2.20 11.23 -2.63
N ASP B 140 3.04 10.79 -1.71
CA ASP B 140 3.98 11.68 -0.97
C ASP B 140 5.34 11.43 -1.60
N ILE B 141 5.85 12.49 -2.26
CA ILE B 141 7.10 12.42 -3.01
CA ILE B 141 7.10 12.45 -3.04
C ILE B 141 8.17 13.13 -2.20
N ILE B 142 9.13 12.35 -1.71
CA ILE B 142 10.00 12.73 -0.59
C ILE B 142 11.49 12.62 -0.91
N LYS B 143 12.23 13.65 -0.54
CA LYS B 143 13.69 13.57 -0.60
C LYS B 143 14.19 13.36 0.82
N PRO B 144 14.96 12.27 1.04
CA PRO B 144 15.66 11.95 2.29
C PRO B 144 16.63 13.07 2.75
N ILE B 145 16.80 13.19 4.06
CA ILE B 145 17.97 13.87 4.63
C ILE B 145 19.24 13.38 3.91
#